data_8D2Z
#
_entry.id   8D2Z
#
_cell.length_a   58.160
_cell.length_b   89.390
_cell.length_c   121.580
_cell.angle_alpha   90.000
_cell.angle_beta   90.000
_cell.angle_gamma   90.000
#
_symmetry.space_group_name_H-M   'P 21 21 21'
#
loop_
_entity.id
_entity.type
_entity.pdbx_description
1 polymer 'Metallo-beta-lactamase superfamily protein'
2 non-polymer 'ZINC ION'
3 non-polymer 'OXAMIC ACID'
4 non-polymer 'CHLORIDE ION'
5 non-polymer (4R)-2-METHYLPENTANE-2,4-DIOL
6 non-polymer (4S)-2-METHYL-2,4-PENTANEDIOL
7 water water
#
_entity_poly.entity_id   1
_entity_poly.type   'polypeptide(L)'
_entity_poly.pdbx_seq_one_letter_code
;MAHHHHHHMAKAFASQADLEEKKVTWTKLSENAYAYTAEGDPNSGVIIGDDSVLIVDTTATPAMAQDLIAKIRSVTDKPI
KHVVLSHYHAVRVLGASAYFDEGAQHVIASRGTYEMIVERGEADMKSEIERFPRLFAGVETVPGLTWPTLVFEREITLFL
GKLEVKIMHVGSGHTKGDTIVWLPSQKVLFSGDLVEYDAACYCGDAQLEQWPATLEALRALGAEKLVPGRGPALLNPAEV
NKGLDYTKDFVTTLLAQGRKAVERNLDLKAAMALTREAMDPKFGHVFIYEHCLPFDVSRAFDEASGIAHPRIWTAQRDKD
MWAALQD
;
_entity_poly.pdbx_strand_id   A,B
#
# COMPACT_ATOMS: atom_id res chain seq x y z
N LYS A 22 1.98 -0.23 -15.22
CA LYS A 22 1.08 0.69 -14.52
C LYS A 22 -0.38 0.37 -14.81
N LYS A 23 -1.07 -0.18 -13.81
CA LYS A 23 -2.42 -0.67 -14.00
C LYS A 23 -3.41 0.49 -14.09
N VAL A 24 -4.13 0.57 -15.22
CA VAL A 24 -5.14 1.60 -15.45
C VAL A 24 -6.49 0.92 -15.54
N THR A 25 -7.47 1.46 -14.84
CA THR A 25 -8.82 0.91 -14.84
C THR A 25 -9.78 1.98 -15.35
N TRP A 26 -10.56 1.62 -16.36
CA TRP A 26 -11.55 2.50 -16.98
C TRP A 26 -12.89 1.82 -16.78
N THR A 27 -13.71 2.36 -15.89
CA THR A 27 -14.93 1.69 -15.44
C THR A 27 -16.12 2.49 -15.92
N LYS A 28 -16.98 1.88 -16.72
CA LYS A 28 -18.24 2.51 -17.08
CA LYS A 28 -18.24 2.51 -17.09
C LYS A 28 -19.24 2.32 -15.95
N LEU A 29 -19.68 3.42 -15.36
CA LEU A 29 -20.56 3.34 -14.19
C LEU A 29 -22.02 3.34 -14.55
N SER A 30 -22.36 3.98 -15.65
CA SER A 30 -23.76 4.18 -16.03
C SER A 30 -23.75 4.56 -17.51
N GLU A 31 -24.92 4.91 -18.03
CA GLU A 31 -25.02 5.24 -19.46
C GLU A 31 -23.98 6.29 -19.85
N ASN A 32 -23.79 7.29 -18.99
CA ASN A 32 -23.01 8.48 -19.34
C ASN A 32 -21.86 8.77 -18.39
N ALA A 33 -21.55 7.89 -17.42
CA ALA A 33 -20.54 8.20 -16.42
C ALA A 33 -19.48 7.10 -16.34
N TYR A 34 -18.21 7.51 -16.18
CA TYR A 34 -17.07 6.61 -16.11
C TYR A 34 -16.18 7.03 -14.95
N ALA A 35 -15.41 6.08 -14.45
CA ALA A 35 -14.32 6.36 -13.52
C ALA A 35 -13.00 5.91 -14.13
N TYR A 36 -11.97 6.72 -13.92
CA TYR A 36 -10.61 6.48 -14.38
C TYR A 36 -9.73 6.33 -13.16
N THR A 37 -9.13 5.16 -13.01
CA THR A 37 -8.24 4.86 -11.90
C THR A 37 -6.90 4.41 -12.45
N ALA A 38 -5.82 4.90 -11.87
CA ALA A 38 -4.49 4.38 -12.18
C ALA A 38 -3.82 3.98 -10.87
N GLU A 39 -3.15 2.82 -10.89
CA GLU A 39 -2.53 2.28 -9.68
C GLU A 39 -1.72 3.36 -8.98
N GLY A 40 -2.14 3.69 -7.76
CA GLY A 40 -1.45 4.67 -6.95
C GLY A 40 -1.84 6.12 -7.20
N ASP A 41 -2.72 6.39 -8.17
CA ASP A 41 -3.13 7.75 -8.45
C ASP A 41 -4.52 8.03 -7.89
N PRO A 42 -4.88 9.30 -7.72
CA PRO A 42 -6.27 9.64 -7.43
C PRO A 42 -7.19 9.22 -8.58
N ASN A 43 -8.48 9.09 -8.29
CA ASN A 43 -9.47 8.83 -9.32
C ASN A 43 -9.81 10.12 -10.08
N SER A 44 -10.07 9.99 -11.36
CA SER A 44 -10.73 11.04 -12.12
C SER A 44 -12.09 10.57 -12.56
N GLY A 45 -13.00 11.50 -12.74
CA GLY A 45 -14.37 11.21 -13.14
C GLY A 45 -14.61 11.76 -14.53
N VAL A 46 -15.48 11.09 -15.29
CA VAL A 46 -15.77 11.49 -16.66
C VAL A 46 -17.26 11.36 -16.87
N ILE A 47 -17.87 12.41 -17.39
CA ILE A 47 -19.26 12.40 -17.81
C ILE A 47 -19.28 12.70 -19.30
N ILE A 48 -19.93 11.84 -20.06
CA ILE A 48 -20.07 12.05 -21.50
C ILE A 48 -21.49 12.50 -21.75
N GLY A 49 -21.66 13.79 -22.06
CA GLY A 49 -22.95 14.36 -22.37
C GLY A 49 -23.31 14.24 -23.85
N ASP A 50 -24.45 14.86 -24.20
CA ASP A 50 -24.93 14.81 -25.58
C ASP A 50 -23.94 15.45 -26.53
N ASP A 51 -23.32 16.56 -26.10
CA ASP A 51 -22.57 17.46 -26.93
C ASP A 51 -21.09 17.54 -26.56
N SER A 52 -20.71 17.02 -25.40
CA SER A 52 -19.41 17.34 -24.84
C SER A 52 -19.13 16.39 -23.69
N VAL A 53 -17.88 16.40 -23.26
CA VAL A 53 -17.39 15.59 -22.15
C VAL A 53 -17.06 16.53 -21.00
N LEU A 54 -17.30 16.10 -19.77
CA LEU A 54 -16.87 16.81 -18.58
C LEU A 54 -15.95 15.89 -17.79
N ILE A 55 -14.86 16.42 -17.23
CA ILE A 55 -14.04 15.62 -16.33
C ILE A 55 -14.00 16.24 -14.95
N VAL A 56 -13.83 15.39 -13.96
CA VAL A 56 -13.66 15.77 -12.56
C VAL A 56 -12.24 15.39 -12.21
N ASP A 57 -11.40 16.41 -12.04
CA ASP A 57 -9.98 16.33 -11.71
C ASP A 57 -9.15 15.87 -12.90
N THR A 58 -7.89 16.30 -12.97
CA THR A 58 -7.19 16.39 -14.25
C THR A 58 -6.11 15.33 -14.45
N THR A 59 -5.82 14.51 -13.43
CA THR A 59 -4.57 13.77 -13.25
C THR A 59 -3.46 14.77 -12.95
N ALA A 60 -2.31 14.27 -12.54
CA ALA A 60 -1.36 15.13 -11.85
C ALA A 60 -0.54 15.99 -12.80
N THR A 61 -0.38 15.61 -14.07
CA THR A 61 0.45 16.36 -15.00
C THR A 61 -0.16 16.27 -16.39
N PRO A 62 0.18 17.19 -17.29
CA PRO A 62 -0.29 17.06 -18.69
C PRO A 62 0.17 15.78 -19.35
N ALA A 63 1.37 15.27 -19.01
CA ALA A 63 1.81 13.98 -19.54
C ALA A 63 0.91 12.84 -19.07
N MET A 64 0.52 12.85 -17.79
CA MET A 64 -0.39 11.82 -17.29
C MET A 64 -1.81 12.00 -17.85
N ALA A 65 -2.20 13.24 -18.16
CA ALA A 65 -3.51 13.48 -18.71
C ALA A 65 -3.69 12.83 -20.08
N GLN A 66 -2.59 12.52 -20.77
CA GLN A 66 -2.69 11.91 -22.09
C GLN A 66 -3.42 10.59 -22.05
N ASP A 67 -3.19 9.79 -21.00
CA ASP A 67 -3.86 8.50 -20.98
C ASP A 67 -5.34 8.63 -20.63
N LEU A 68 -5.71 9.60 -19.80
CA LEU A 68 -7.14 9.84 -19.59
C LEU A 68 -7.81 10.30 -20.88
N ILE A 69 -7.16 11.21 -21.61
CA ILE A 69 -7.67 11.60 -22.92
C ILE A 69 -7.81 10.40 -23.83
N ALA A 70 -6.80 9.51 -23.83
CA ALA A 70 -6.89 8.32 -24.67
C ALA A 70 -8.12 7.48 -24.31
N LYS A 71 -8.40 7.30 -23.02
CA LYS A 71 -9.57 6.51 -22.64
C LYS A 71 -10.86 7.19 -23.11
N ILE A 72 -10.97 8.50 -22.91
CA ILE A 72 -12.14 9.23 -23.36
C ILE A 72 -12.29 9.10 -24.88
N ARG A 73 -11.18 9.23 -25.63
CA ARG A 73 -11.25 9.16 -27.09
C ARG A 73 -11.55 7.74 -27.60
N SER A 74 -11.37 6.72 -26.76
CA SER A 74 -11.86 5.40 -27.15
C SER A 74 -13.38 5.31 -27.10
N VAL A 75 -14.04 6.30 -26.53
CA VAL A 75 -15.49 6.31 -26.41
C VAL A 75 -16.13 7.37 -27.30
N THR A 76 -15.52 8.55 -27.39
CA THR A 76 -16.20 9.65 -28.06
C THR A 76 -15.19 10.63 -28.62
N ASP A 77 -15.60 11.32 -29.67
CA ASP A 77 -14.85 12.42 -30.26
C ASP A 77 -15.29 13.78 -29.72
N LYS A 78 -16.25 13.80 -28.80
CA LYS A 78 -16.81 15.05 -28.29
C LYS A 78 -15.75 15.89 -27.57
N PRO A 79 -15.88 17.23 -27.61
CA PRO A 79 -14.90 18.09 -26.93
C PRO A 79 -14.94 17.87 -25.43
N ILE A 80 -13.76 17.88 -24.81
CA ILE A 80 -13.67 17.86 -23.35
C ILE A 80 -13.84 19.30 -22.89
N LYS A 81 -15.10 19.75 -22.85
CA LYS A 81 -15.44 21.18 -22.75
C LYS A 81 -15.25 21.74 -21.35
N HIS A 82 -15.48 20.91 -20.33
CA HIS A 82 -15.49 21.37 -18.94
C HIS A 82 -14.56 20.51 -18.11
N VAL A 83 -13.69 21.17 -17.36
CA VAL A 83 -12.75 20.54 -16.45
C VAL A 83 -13.13 21.05 -15.07
N VAL A 84 -13.62 20.17 -14.19
CA VAL A 84 -14.02 20.56 -12.84
C VAL A 84 -12.90 20.16 -11.89
N LEU A 85 -12.48 21.08 -11.03
CA LEU A 85 -11.51 20.77 -9.98
C LEU A 85 -12.28 20.45 -8.71
N SER A 86 -12.19 19.21 -8.21
CA SER A 86 -12.90 18.91 -6.97
C SER A 86 -12.32 19.67 -5.79
N HIS A 87 -11.03 20.01 -5.84
CA HIS A 87 -10.39 20.83 -4.83
C HIS A 87 -9.01 21.22 -5.36
N TYR A 88 -8.26 21.97 -4.54
CA TYR A 88 -7.09 22.69 -5.08
C TYR A 88 -5.82 21.83 -5.17
N HIS A 89 -5.74 20.67 -4.52
CA HIS A 89 -4.47 19.96 -4.42
C HIS A 89 -3.84 19.67 -5.78
N ALA A 90 -2.52 19.83 -5.86
CA ALA A 90 -1.78 19.79 -7.13
C ALA A 90 -2.06 18.51 -7.93
N VAL A 91 -2.12 17.36 -7.25
CA VAL A 91 -2.36 16.09 -7.96
C VAL A 91 -3.71 16.08 -8.66
N ARG A 92 -4.64 16.91 -8.20
CA ARG A 92 -5.96 16.99 -8.80
C ARG A 92 -6.06 17.98 -9.95
N VAL A 93 -5.10 18.89 -10.11
CA VAL A 93 -5.36 20.07 -10.94
C VAL A 93 -4.28 20.34 -11.97
N LEU A 94 -3.03 19.88 -11.82
CA LEU A 94 -1.97 20.39 -12.66
C LEU A 94 -1.92 19.72 -14.02
N GLY A 95 -2.83 18.79 -14.30
CA GLY A 95 -2.94 18.28 -15.65
C GLY A 95 -3.90 19.06 -16.53
N ALA A 96 -4.48 20.14 -16.00
CA ALA A 96 -5.59 20.83 -16.65
C ALA A 96 -5.23 21.33 -18.06
N SER A 97 -4.00 21.80 -18.26
CA SER A 97 -3.69 22.44 -19.53
C SER A 97 -3.70 21.46 -20.70
N ALA A 98 -3.64 20.15 -20.44
CA ALA A 98 -3.70 19.17 -21.53
C ALA A 98 -5.05 19.15 -22.23
N TYR A 99 -6.10 19.64 -21.59
CA TYR A 99 -7.44 19.47 -22.12
C TYR A 99 -7.86 20.61 -23.03
N PHE A 100 -7.09 21.70 -23.10
CA PHE A 100 -7.49 22.78 -23.98
CA PHE A 100 -7.39 22.82 -23.98
C PHE A 100 -7.43 22.37 -25.44
N ASP A 101 -6.40 21.65 -25.88
CA ASP A 101 -6.38 21.18 -27.26
C ASP A 101 -7.49 20.19 -27.54
N GLU A 102 -8.08 19.61 -26.50
CA GLU A 102 -9.17 18.65 -26.61
C GLU A 102 -10.54 19.31 -26.47
N GLY A 103 -10.58 20.62 -26.34
CA GLY A 103 -11.84 21.34 -26.39
C GLY A 103 -12.23 22.05 -25.12
N ALA A 104 -11.33 22.09 -24.12
CA ALA A 104 -11.72 22.69 -22.86
C ALA A 104 -12.08 24.16 -23.05
N GLN A 105 -13.25 24.54 -22.54
CA GLN A 105 -13.68 25.93 -22.56
C GLN A 105 -13.64 26.58 -21.18
N HIS A 106 -13.73 25.78 -20.13
CA HIS A 106 -13.69 26.31 -18.77
C HIS A 106 -13.02 25.32 -17.83
N VAL A 107 -12.25 25.87 -16.91
CA VAL A 107 -11.76 25.17 -15.73
C VAL A 107 -12.57 25.73 -14.56
N ILE A 108 -13.36 24.86 -13.94
CA ILE A 108 -14.40 25.27 -13.00
C ILE A 108 -13.94 24.96 -11.59
N ALA A 109 -14.10 25.91 -10.68
CA ALA A 109 -13.75 25.68 -9.29
C ALA A 109 -14.72 26.46 -8.41
N SER A 110 -14.86 26.00 -7.18
CA SER A 110 -15.59 26.76 -6.17
C SER A 110 -14.77 27.96 -5.70
N ARG A 111 -15.43 28.91 -5.05
CA ARG A 111 -14.71 30.05 -4.51
CA ARG A 111 -14.72 30.05 -4.51
CA ARG A 111 -14.73 30.06 -4.49
C ARG A 111 -13.69 29.60 -3.48
N GLY A 112 -14.05 28.64 -2.62
CA GLY A 112 -13.11 28.16 -1.64
C GLY A 112 -11.86 27.59 -2.29
N THR A 113 -12.04 26.82 -3.37
CA THR A 113 -10.89 26.26 -4.07
C THR A 113 -10.05 27.37 -4.70
N TYR A 114 -10.71 28.33 -5.35
CA TYR A 114 -9.98 29.45 -5.93
C TYR A 114 -9.16 30.17 -4.87
N GLU A 115 -9.74 30.40 -3.70
CA GLU A 115 -9.03 31.09 -2.63
C GLU A 115 -7.80 30.32 -2.18
N MET A 116 -7.92 29.00 -2.11
CA MET A 116 -6.78 28.16 -1.73
C MET A 116 -5.68 28.20 -2.80
N ILE A 117 -6.05 28.21 -4.08
CA ILE A 117 -5.03 28.31 -5.12
C ILE A 117 -4.27 29.62 -4.98
N VAL A 118 -5.00 30.72 -4.78
CA VAL A 118 -4.36 32.02 -4.57
C VAL A 118 -3.46 32.01 -3.35
N GLU A 119 -3.94 31.42 -2.25
CA GLU A 119 -3.21 31.51 -0.99
C GLU A 119 -2.00 30.58 -0.96
N ARG A 120 -2.17 29.33 -1.42
CA ARG A 120 -1.15 28.31 -1.19
C ARG A 120 -0.94 27.38 -2.37
N GLY A 121 -1.43 27.74 -3.57
CA GLY A 121 -1.22 26.89 -4.73
C GLY A 121 0.25 26.64 -5.01
N GLU A 122 1.05 27.70 -5.03
CA GLU A 122 2.49 27.55 -5.27
C GLU A 122 3.11 26.67 -4.18
N ALA A 123 2.76 26.94 -2.92
CA ALA A 123 3.38 26.18 -1.83
C ALA A 123 2.99 24.72 -1.91
N ASP A 124 1.73 24.45 -2.24
CA ASP A 124 1.24 23.09 -2.30
C ASP A 124 1.82 22.35 -3.50
N MET A 125 1.98 23.05 -4.63
CA MET A 125 2.60 22.43 -5.80
C MET A 125 4.01 21.95 -5.46
N LYS A 126 4.80 22.83 -4.82
CA LYS A 126 6.15 22.48 -4.41
C LYS A 126 6.12 21.35 -3.38
N SER A 127 5.19 21.44 -2.42
CA SER A 127 5.10 20.46 -1.34
C SER A 127 4.78 19.08 -1.89
N GLU A 128 3.76 18.99 -2.74
CA GLU A 128 3.31 17.67 -3.18
C GLU A 128 4.35 17.02 -4.08
N ILE A 129 4.97 17.79 -4.97
CA ILE A 129 5.98 17.23 -5.86
C ILE A 129 7.19 16.76 -5.08
N GLU A 130 7.58 17.49 -4.03
CA GLU A 130 8.70 17.06 -3.18
C GLU A 130 8.37 15.77 -2.42
N ARG A 131 7.14 15.67 -1.90
CA ARG A 131 6.78 14.52 -1.07
C ARG A 131 6.72 13.22 -1.88
N PHE A 132 6.04 13.26 -3.02
CA PHE A 132 5.79 12.05 -3.81
C PHE A 132 6.02 12.36 -5.28
N PRO A 133 7.30 12.45 -5.70
CA PRO A 133 7.59 12.74 -7.10
C PRO A 133 6.97 11.74 -8.06
N ARG A 134 6.83 10.47 -7.66
CA ARG A 134 6.27 9.46 -8.55
C ARG A 134 4.80 9.71 -8.85
N LEU A 135 4.09 10.50 -8.03
CA LEU A 135 2.73 10.89 -8.39
C LEU A 135 2.71 11.85 -9.57
N PHE A 136 3.82 12.49 -9.91
CA PHE A 136 3.88 13.52 -10.93
C PHE A 136 4.79 13.05 -12.06
N ALA A 137 4.34 12.01 -12.78
CA ALA A 137 5.12 11.51 -13.89
C ALA A 137 5.18 12.57 -14.99
N GLY A 138 6.38 12.80 -15.53
CA GLY A 138 6.50 13.86 -16.53
C GLY A 138 6.22 15.24 -15.98
N VAL A 139 6.71 15.52 -14.76
CA VAL A 139 6.42 16.78 -14.09
C VAL A 139 6.90 17.98 -14.92
N GLU A 140 7.89 17.79 -15.80
CA GLU A 140 8.39 18.88 -16.62
C GLU A 140 7.32 19.41 -17.57
N THR A 141 6.26 18.65 -17.81
CA THR A 141 5.18 19.12 -18.65
C THR A 141 4.22 20.05 -17.91
N VAL A 142 4.35 20.21 -16.60
CA VAL A 142 3.46 21.10 -15.86
C VAL A 142 3.86 22.54 -16.17
N PRO A 143 2.94 23.37 -16.66
CA PRO A 143 3.32 24.72 -17.10
C PRO A 143 3.38 25.75 -15.99
N GLY A 144 2.78 25.46 -14.85
CA GLY A 144 2.58 26.36 -13.75
C GLY A 144 1.23 26.04 -13.13
N LEU A 145 0.77 26.90 -12.23
CA LEU A 145 -0.49 26.63 -11.54
C LEU A 145 -1.66 26.59 -12.50
N THR A 146 -2.71 25.87 -12.09
CA THR A 146 -3.96 25.85 -12.83
C THR A 146 -4.84 26.96 -12.27
N TRP A 147 -5.25 27.89 -13.13
CA TRP A 147 -6.08 29.01 -12.72
C TRP A 147 -7.50 28.81 -13.22
N PRO A 148 -8.50 28.68 -12.35
CA PRO A 148 -9.87 28.50 -12.84
C PRO A 148 -10.31 29.68 -13.69
N THR A 149 -11.13 29.39 -14.69
CA THR A 149 -11.74 30.43 -15.52
C THR A 149 -13.18 30.74 -15.13
N LEU A 150 -13.79 29.87 -14.33
CA LEU A 150 -15.16 30.04 -13.88
C LEU A 150 -15.18 29.64 -12.42
N VAL A 151 -15.58 30.56 -11.55
CA VAL A 151 -15.61 30.29 -10.12
C VAL A 151 -17.04 30.45 -9.63
N PHE A 152 -17.55 29.45 -8.95
CA PHE A 152 -18.94 29.51 -8.49
C PHE A 152 -18.96 29.52 -6.97
N GLU A 153 -20.08 30.01 -6.43
CA GLU A 153 -20.25 30.15 -4.99
C GLU A 153 -20.88 28.91 -4.37
N ARG A 154 -21.99 28.42 -4.92
CA ARG A 154 -22.78 27.39 -4.27
C ARG A 154 -23.00 26.21 -5.21
N GLU A 155 -23.52 26.49 -6.42
CA GLU A 155 -23.95 25.42 -7.29
C GLU A 155 -24.17 25.92 -8.70
N ILE A 156 -23.68 25.20 -9.69
CA ILE A 156 -24.04 25.46 -11.07
C ILE A 156 -24.57 24.17 -11.67
N THR A 157 -25.46 24.31 -12.64
CA THR A 157 -25.97 23.17 -13.36
C THR A 157 -25.59 23.37 -14.82
N LEU A 158 -24.96 22.35 -15.39
CA LEU A 158 -24.67 22.34 -16.82
C LEU A 158 -25.65 21.41 -17.50
N PHE A 159 -26.18 21.83 -18.64
CA PHE A 159 -26.99 20.96 -19.45
C PHE A 159 -26.12 20.58 -20.64
N LEU A 160 -25.69 19.31 -20.65
CA LEU A 160 -24.86 18.82 -21.74
C LEU A 160 -25.81 18.23 -22.77
N GLY A 161 -26.38 19.12 -23.58
CA GLY A 161 -27.59 18.77 -24.29
C GLY A 161 -28.73 18.58 -23.31
N LYS A 162 -29.34 17.40 -23.29
CA LYS A 162 -30.37 17.08 -22.32
C LYS A 162 -29.82 16.60 -20.97
N LEU A 163 -28.52 16.29 -20.88
CA LEU A 163 -27.99 15.69 -19.67
C LEU A 163 -27.70 16.74 -18.61
N GLU A 164 -28.42 16.67 -17.48
CA GLU A 164 -28.20 17.60 -16.37
C GLU A 164 -27.04 17.15 -15.48
N VAL A 165 -26.08 18.05 -15.27
CA VAL A 165 -24.89 17.81 -14.45
C VAL A 165 -24.83 18.91 -13.41
N LYS A 166 -24.80 18.53 -12.14
CA LYS A 166 -24.76 19.52 -11.07
C LYS A 166 -23.37 19.55 -10.48
N ILE A 167 -22.81 20.76 -10.35
CA ILE A 167 -21.51 20.97 -9.75
C ILE A 167 -21.77 21.77 -8.48
N MET A 168 -21.43 21.20 -7.33
CA MET A 168 -21.96 21.71 -6.07
C MET A 168 -20.87 21.80 -5.02
N HIS A 169 -20.91 22.85 -4.22
CA HIS A 169 -20.21 22.90 -2.95
C HIS A 169 -21.28 22.73 -1.87
N VAL A 170 -21.30 21.59 -1.20
CA VAL A 170 -22.30 21.35 -0.18
C VAL A 170 -21.71 21.41 1.22
N GLY A 171 -20.44 21.74 1.33
CA GLY A 171 -19.73 21.85 2.57
C GLY A 171 -18.27 21.50 2.37
N SER A 172 -17.47 21.87 3.35
CA SER A 172 -16.05 21.57 3.32
C SER A 172 -15.77 20.32 4.15
N GLY A 173 -14.58 19.77 3.93
CA GLY A 173 -14.18 18.59 4.68
C GLY A 173 -12.72 18.36 4.42
N HIS A 174 -12.45 17.70 3.30
CA HIS A 174 -11.07 17.45 2.88
C HIS A 174 -10.30 18.76 2.69
N THR A 175 -10.95 19.75 2.08
CA THR A 175 -10.42 21.12 2.03
C THR A 175 -11.58 22.11 2.08
N LYS A 176 -11.23 23.38 2.24
N LYS A 176 -11.24 23.34 2.40
CA LYS A 176 -12.23 24.45 2.33
CA LYS A 176 -12.10 24.45 2.11
C LYS A 176 -13.18 24.49 1.15
C LYS A 176 -12.37 24.48 0.60
N GLY A 177 -12.71 24.18 -0.06
N GLY A 177 -13.64 24.38 0.23
CA GLY A 177 -13.53 24.41 -1.24
CA GLY A 177 -14.01 24.51 -1.16
C GLY A 177 -14.06 23.18 -1.93
C GLY A 177 -14.32 23.21 -1.87
N ASP A 178 -14.16 22.05 -1.21
CA ASP A 178 -14.48 20.75 -1.81
C ASP A 178 -15.73 20.81 -2.68
N THR A 179 -15.59 20.32 -3.91
CA THR A 179 -16.64 20.38 -4.91
C THR A 179 -16.98 18.98 -5.36
N ILE A 180 -18.27 18.71 -5.51
CA ILE A 180 -18.73 17.41 -5.99
C ILE A 180 -19.43 17.61 -7.33
N VAL A 181 -19.52 16.52 -8.08
CA VAL A 181 -20.25 16.53 -9.34
C VAL A 181 -21.29 15.43 -9.26
N TRP A 182 -22.54 15.79 -9.55
CA TRP A 182 -23.68 14.94 -9.29
C TRP A 182 -24.49 14.84 -10.57
N LEU A 183 -24.77 13.61 -10.99
CA LEU A 183 -25.56 13.31 -12.19
C LEU A 183 -26.91 12.77 -11.70
N PRO A 184 -27.91 13.63 -11.53
CA PRO A 184 -29.14 13.20 -10.84
C PRO A 184 -29.88 12.08 -11.55
N SER A 185 -29.91 12.11 -12.88
CA SER A 185 -30.68 11.12 -13.63
C SER A 185 -30.10 9.73 -13.48
N GLN A 186 -28.82 9.61 -13.21
CA GLN A 186 -28.21 8.30 -13.07
C GLN A 186 -27.68 8.04 -11.66
N LYS A 187 -27.89 8.99 -10.75
CA LYS A 187 -27.49 8.87 -9.34
C LYS A 187 -26.02 8.52 -9.19
N VAL A 188 -25.17 9.21 -9.96
CA VAL A 188 -23.72 9.05 -9.91
C VAL A 188 -23.13 10.27 -9.24
N LEU A 189 -22.35 10.05 -8.19
CA LEU A 189 -21.72 11.11 -7.42
C LEU A 189 -20.21 10.99 -7.55
N PHE A 190 -19.56 12.06 -7.99
CA PHE A 190 -18.10 12.15 -7.95
C PHE A 190 -17.77 13.01 -6.75
N SER A 191 -17.21 12.39 -5.71
CA SER A 191 -17.05 13.04 -4.40
C SER A 191 -15.70 13.73 -4.25
N GLY A 192 -14.80 13.62 -5.22
CA GLY A 192 -13.45 14.10 -4.99
C GLY A 192 -12.85 13.35 -3.82
N ASP A 193 -12.13 14.05 -2.95
CA ASP A 193 -11.55 13.43 -1.76
C ASP A 193 -12.41 13.59 -0.52
N LEU A 194 -13.70 13.96 -0.68
CA LEU A 194 -14.57 14.01 0.49
C LEU A 194 -14.92 12.63 1.01
N VAL A 195 -14.81 11.60 0.18
CA VAL A 195 -15.20 10.24 0.56
C VAL A 195 -14.09 9.28 0.15
N GLU A 196 -13.69 8.42 1.09
CA GLU A 196 -12.78 7.34 0.78
C GLU A 196 -13.41 6.01 1.14
N TYR A 197 -12.74 4.92 0.75
CA TYR A 197 -13.19 3.64 1.28
CA TYR A 197 -13.21 3.59 1.12
C TYR A 197 -12.03 2.68 1.44
N ASP A 198 -11.23 2.39 0.42
CA ASP A 198 -10.13 1.47 0.70
C ASP A 198 -8.86 2.19 1.14
N ALA A 199 -8.85 3.52 1.15
CA ALA A 199 -7.67 4.29 1.51
C ALA A 199 -7.96 5.24 2.66
N ALA A 200 -6.90 5.60 3.38
CA ALA A 200 -7.01 6.62 4.41
C ALA A 200 -7.34 7.98 3.79
N CYS A 201 -7.87 8.87 4.61
CA CYS A 201 -8.09 10.26 4.21
C CYS A 201 -6.82 11.07 4.47
N TYR A 202 -6.32 11.78 3.45
CA TYR A 202 -5.32 12.84 3.66
C TYR A 202 -6.03 14.06 4.21
N CYS A 203 -5.69 14.43 5.43
CA CYS A 203 -6.42 15.48 6.14
C CYS A 203 -5.53 16.67 6.42
N GLY A 204 -4.37 16.78 5.74
CA GLY A 204 -3.41 17.81 6.10
C GLY A 204 -3.98 19.22 6.01
N ASP A 205 -4.96 19.41 5.11
CA ASP A 205 -5.61 20.71 4.88
C ASP A 205 -7.09 20.69 5.27
N ALA A 206 -7.49 19.72 6.10
CA ALA A 206 -8.91 19.43 6.30
C ALA A 206 -9.59 20.47 7.19
N GLN A 207 -10.89 20.62 6.96
CA GLN A 207 -11.80 21.27 7.88
C GLN A 207 -12.53 20.14 8.59
N LEU A 208 -11.88 19.57 9.61
CA LEU A 208 -12.37 18.35 10.24
C LEU A 208 -13.72 18.56 10.92
N GLU A 209 -13.92 19.72 11.54
CA GLU A 209 -15.16 19.97 12.26
C GLU A 209 -16.36 19.97 11.33
N GLN A 210 -16.17 20.40 10.09
CA GLN A 210 -17.28 20.54 9.15
C GLN A 210 -17.52 19.27 8.34
N TRP A 211 -16.56 18.36 8.31
CA TRP A 211 -16.64 17.22 7.39
C TRP A 211 -17.81 16.28 7.68
N PRO A 212 -18.15 15.94 8.95
CA PRO A 212 -19.30 15.06 9.15
C PRO A 212 -20.60 15.59 8.56
N ALA A 213 -20.88 16.89 8.74
CA ALA A 213 -22.10 17.46 8.18
C ALA A 213 -22.07 17.43 6.66
N THR A 214 -20.89 17.67 6.07
CA THR A 214 -20.76 17.55 4.62
C THR A 214 -21.07 16.11 4.16
N LEU A 215 -20.60 15.12 4.91
CA LEU A 215 -20.87 13.73 4.55
C LEU A 215 -22.37 13.44 4.61
N GLU A 216 -23.06 13.99 5.60
CA GLU A 216 -24.49 13.77 5.67
C GLU A 216 -25.22 14.45 4.52
N ALA A 217 -24.70 15.60 4.04
CA ALA A 217 -25.29 16.23 2.87
C ALA A 217 -25.12 15.36 1.64
N LEU A 218 -23.96 14.71 1.50
CA LEU A 218 -23.76 13.78 0.40
C LEU A 218 -24.68 12.57 0.53
N ARG A 219 -24.87 12.09 1.77
CA ARG A 219 -25.74 10.92 1.95
C ARG A 219 -27.16 11.23 1.51
N ALA A 220 -27.59 12.48 1.73
CA ALA A 220 -28.94 12.88 1.38
C ALA A 220 -29.18 12.88 -0.13
N LEU A 221 -28.11 12.87 -0.94
CA LEU A 221 -28.29 12.83 -2.39
C LEU A 221 -28.85 11.49 -2.86
N GLY A 222 -28.56 10.40 -2.14
CA GLY A 222 -29.04 9.09 -2.56
C GLY A 222 -28.30 8.49 -3.73
N ALA A 223 -26.98 8.68 -3.79
CA ALA A 223 -26.18 8.12 -4.88
C ALA A 223 -26.31 6.61 -4.97
N GLU A 224 -26.43 6.10 -6.19
CA GLU A 224 -26.28 4.68 -6.44
C GLU A 224 -24.85 4.30 -6.78
N LYS A 225 -24.08 5.24 -7.32
CA LYS A 225 -22.69 5.04 -7.66
C LYS A 225 -21.91 6.19 -7.07
N LEU A 226 -20.75 5.90 -6.48
CA LEU A 226 -19.93 6.98 -5.95
C LEU A 226 -18.48 6.69 -6.30
N VAL A 227 -17.81 7.68 -6.88
CA VAL A 227 -16.39 7.62 -7.19
C VAL A 227 -15.64 8.28 -6.03
N PRO A 228 -14.93 7.52 -5.21
CA PRO A 228 -14.23 8.10 -4.07
C PRO A 228 -12.92 8.74 -4.54
N GLY A 229 -12.18 9.31 -3.59
CA GLY A 229 -10.92 9.95 -3.93
C GLY A 229 -9.93 9.00 -4.59
N ARG A 230 -9.82 7.79 -4.08
CA ARG A 230 -9.00 6.79 -4.75
C ARG A 230 -9.57 5.41 -4.48
N GLY A 231 -9.18 4.46 -5.31
CA GLY A 231 -9.68 3.12 -5.21
C GLY A 231 -10.92 2.89 -6.05
N PRO A 232 -11.46 1.68 -6.00
CA PRO A 232 -12.60 1.33 -6.84
C PRO A 232 -13.85 2.13 -6.50
N ALA A 233 -14.64 2.40 -7.52
CA ALA A 233 -15.92 3.04 -7.33
C ALA A 233 -16.86 2.14 -6.53
N LEU A 234 -17.75 2.78 -5.77
CA LEU A 234 -18.79 2.12 -5.01
C LEU A 234 -20.03 2.01 -5.90
N LEU A 235 -20.59 0.81 -6.05
CA LEU A 235 -21.47 0.56 -7.18
C LEU A 235 -22.93 0.32 -6.80
N ASN A 236 -23.29 0.45 -5.53
CA ASN A 236 -24.69 0.36 -5.12
C ASN A 236 -24.85 1.18 -3.85
N PRO A 237 -26.10 1.48 -3.46
CA PRO A 237 -26.29 2.33 -2.26
C PRO A 237 -25.69 1.75 -0.97
N ALA A 238 -25.70 0.42 -0.80
CA ALA A 238 -25.08 -0.15 0.40
C ALA A 238 -23.59 0.18 0.45
N GLU A 239 -22.91 0.04 -0.69
CA GLU A 239 -21.49 0.38 -0.76
C GLU A 239 -21.27 1.88 -0.58
N VAL A 240 -22.12 2.72 -1.19
CA VAL A 240 -22.00 4.16 -1.02
C VAL A 240 -22.05 4.51 0.46
N ASN A 241 -23.03 3.97 1.17
CA ASN A 241 -23.22 4.32 2.58
C ASN A 241 -22.11 3.75 3.45
N LYS A 242 -21.55 2.59 3.08
CA LYS A 242 -20.41 2.08 3.82
C LYS A 242 -19.22 3.02 3.68
N GLY A 243 -19.00 3.56 2.48
CA GLY A 243 -17.93 4.54 2.31
C GLY A 243 -18.18 5.81 3.08
N LEU A 244 -19.43 6.31 3.05
CA LEU A 244 -19.77 7.49 3.82
C LEU A 244 -19.57 7.24 5.32
N ASP A 245 -20.04 6.09 5.81
CA ASP A 245 -19.89 5.76 7.23
C ASP A 245 -18.43 5.61 7.63
N TYR A 246 -17.63 4.97 6.77
CA TYR A 246 -16.21 4.80 7.06
C TYR A 246 -15.50 6.14 7.12
N THR A 247 -15.72 6.97 6.09
CA THR A 247 -15.06 8.27 6.07
C THR A 247 -15.48 9.10 7.28
N LYS A 248 -16.77 9.06 7.63
CA LYS A 248 -17.24 9.81 8.79
C LYS A 248 -16.56 9.30 10.05
N ASP A 249 -16.47 7.98 10.19
CA ASP A 249 -15.81 7.41 11.36
C ASP A 249 -14.34 7.82 11.42
N PHE A 250 -13.64 7.75 10.28
CA PHE A 250 -12.22 8.14 10.22
C PHE A 250 -12.03 9.58 10.68
N VAL A 251 -12.76 10.52 10.08
CA VAL A 251 -12.46 11.92 10.38
C VAL A 251 -13.02 12.35 11.73
N THR A 252 -14.12 11.72 12.18
CA THR A 252 -14.62 12.00 13.53
C THR A 252 -13.64 11.49 14.58
N THR A 253 -13.13 10.26 14.40
CA THR A 253 -12.19 9.69 15.37
C THR A 253 -10.91 10.49 15.38
N LEU A 254 -10.42 10.88 14.20
CA LEU A 254 -9.18 11.65 14.11
C LEU A 254 -9.28 12.96 14.90
N LEU A 255 -10.37 13.71 14.68
CA LEU A 255 -10.53 14.96 15.40
C LEU A 255 -10.71 14.70 16.89
N ALA A 256 -11.46 13.65 17.25
CA ALA A 256 -11.66 13.36 18.67
C ALA A 256 -10.34 13.09 19.37
N GLN A 257 -9.45 12.31 18.74
CA GLN A 257 -8.15 12.08 19.34
C GLN A 257 -7.32 13.36 19.40
N GLY A 258 -7.50 14.26 18.44
CA GLY A 258 -6.81 15.54 18.50
C GLY A 258 -7.27 16.38 19.68
N ARG A 259 -8.58 16.41 19.92
CA ARG A 259 -9.09 17.12 21.09
C ARG A 259 -8.55 16.52 22.39
N LYS A 260 -8.43 15.19 22.46
CA LYS A 260 -7.84 14.56 23.63
C LYS A 260 -6.38 14.96 23.81
N ALA A 261 -5.61 14.99 22.71
CA ALA A 261 -4.21 15.40 22.85
C ALA A 261 -4.12 16.84 23.35
N VAL A 262 -4.97 17.72 22.83
CA VAL A 262 -4.97 19.12 23.25
C VAL A 262 -5.39 19.26 24.72
N GLU A 263 -6.46 18.56 25.14
CA GLU A 263 -6.89 18.60 26.54
C GLU A 263 -5.77 18.23 27.49
N ARG A 264 -4.90 17.33 27.06
CA ARG A 264 -3.84 16.77 27.89
C ARG A 264 -2.49 17.45 27.69
N ASN A 265 -2.41 18.47 26.84
CA ASN A 265 -1.18 19.23 26.60
C ASN A 265 -0.06 18.33 26.08
N LEU A 266 -0.39 17.41 25.19
CA LEU A 266 0.61 16.48 24.68
C LEU A 266 1.42 17.14 23.57
N ASP A 267 2.69 16.71 23.45
CA ASP A 267 3.44 17.07 22.26
C ASP A 267 3.02 16.16 21.10
N LEU A 268 3.59 16.41 19.93
CA LEU A 268 3.10 15.75 18.72
C LEU A 268 3.39 14.25 18.76
N LYS A 269 4.56 13.85 19.28
CA LYS A 269 4.83 12.42 19.39
C LYS A 269 3.78 11.73 20.27
N ALA A 270 3.44 12.34 21.40
CA ALA A 270 2.43 11.75 22.27
C ALA A 270 1.04 11.81 21.62
N ALA A 271 0.76 12.87 20.88
CA ALA A 271 -0.51 12.95 20.17
C ALA A 271 -0.62 11.85 19.13
N MET A 272 0.47 11.57 18.43
CA MET A 272 0.48 10.48 17.46
C MET A 272 0.18 9.15 18.15
N ALA A 273 0.86 8.87 19.27
CA ALA A 273 0.62 7.63 19.99
C ALA A 273 -0.83 7.52 20.47
N LEU A 274 -1.37 8.61 21.02
CA LEU A 274 -2.76 8.62 21.46
C LEU A 274 -3.71 8.39 20.28
N THR A 275 -3.42 9.00 19.13
CA THR A 275 -4.30 8.84 17.97
C THR A 275 -4.30 7.40 17.49
N ARG A 276 -3.12 6.80 17.44
CA ARG A 276 -2.99 5.40 17.04
C ARG A 276 -3.79 4.48 17.94
N GLU A 277 -3.85 4.79 19.24
CA GLU A 277 -4.66 4.00 20.18
C GLU A 277 -6.04 3.72 19.62
N ALA A 278 -6.70 4.75 19.08
CA ALA A 278 -8.05 4.64 18.59
C ALA A 278 -8.13 4.37 17.10
N MET A 279 -7.20 4.90 16.30
CA MET A 279 -7.30 4.77 14.85
C MET A 279 -6.75 3.44 14.35
N ASP A 280 -5.64 2.97 14.93
CA ASP A 280 -4.97 1.79 14.37
C ASP A 280 -5.87 0.55 14.36
N PRO A 281 -6.60 0.21 15.42
CA PRO A 281 -7.42 -1.00 15.34
C PRO A 281 -8.51 -0.90 14.28
N LYS A 282 -9.14 0.28 14.14
CA LYS A 282 -10.27 0.46 13.24
C LYS A 282 -9.84 0.70 11.78
N PHE A 283 -8.71 1.38 11.57
CA PHE A 283 -8.37 1.86 10.23
C PHE A 283 -6.97 1.49 9.79
N GLY A 284 -6.17 0.86 10.64
CA GLY A 284 -4.77 0.57 10.35
C GLY A 284 -4.51 -0.23 9.09
N HIS A 285 -5.55 -0.88 8.56
CA HIS A 285 -5.44 -1.73 7.37
C HIS A 285 -5.61 -0.97 6.06
N VAL A 286 -6.09 0.27 6.07
CA VAL A 286 -6.45 0.91 4.80
C VAL A 286 -5.18 1.35 4.10
N PHE A 287 -5.26 1.42 2.78
CA PHE A 287 -4.12 1.87 1.99
C PHE A 287 -3.76 3.31 2.33
N ILE A 288 -2.47 3.62 2.17
CA ILE A 288 -1.77 4.87 2.47
C ILE A 288 -2.04 5.41 3.89
N TYR A 289 -2.42 4.52 4.81
CA TYR A 289 -2.66 4.95 6.19
C TYR A 289 -1.40 5.53 6.83
N GLU A 290 -0.27 4.80 6.74
CA GLU A 290 0.98 5.26 7.34
C GLU A 290 1.52 6.50 6.66
N HIS A 291 1.28 6.66 5.35
CA HIS A 291 1.70 7.87 4.64
C HIS A 291 0.93 9.08 5.11
N CYS A 292 -0.38 8.93 5.36
CA CYS A 292 -1.25 10.05 5.71
C CYS A 292 -1.21 10.39 7.19
N LEU A 293 -1.13 9.38 8.05
CA LEU A 293 -1.35 9.58 9.48
C LEU A 293 -0.55 10.75 10.09
N PRO A 294 0.75 10.93 9.81
CA PRO A 294 1.45 12.05 10.47
C PRO A 294 0.85 13.41 10.15
N PHE A 295 0.52 13.65 8.88
CA PHE A 295 -0.13 14.90 8.51
C PHE A 295 -1.51 15.01 9.11
N ASP A 296 -2.21 13.87 9.28
CA ASP A 296 -3.56 13.89 9.83
C ASP A 296 -3.53 14.25 11.31
N VAL A 297 -2.61 13.61 12.06
CA VAL A 297 -2.47 13.94 13.47
C VAL A 297 -2.05 15.39 13.63
N SER A 298 -1.15 15.87 12.76
CA SER A 298 -0.70 17.26 12.86
C SER A 298 -1.84 18.23 12.63
N ARG A 299 -2.67 17.97 11.60
CA ARG A 299 -3.78 18.88 11.33
C ARG A 299 -4.83 18.79 12.45
N ALA A 300 -5.18 17.57 12.87
CA ALA A 300 -6.16 17.41 13.94
C ALA A 300 -5.73 18.14 15.21
N PHE A 301 -4.44 18.08 15.53
CA PHE A 301 -3.96 18.77 16.73
C PHE A 301 -4.13 20.29 16.58
N ASP A 302 -3.71 20.84 15.43
CA ASP A 302 -3.90 22.27 15.16
C ASP A 302 -5.36 22.66 15.28
N GLU A 303 -6.25 21.93 14.60
CA GLU A 303 -7.65 22.35 14.55
C GLU A 303 -8.29 22.27 15.94
N ALA A 304 -8.02 21.17 16.66
CA ALA A 304 -8.44 21.05 18.05
C ALA A 304 -7.85 22.16 18.93
N SER A 305 -6.70 22.70 18.55
CA SER A 305 -6.07 23.79 19.28
C SER A 305 -6.70 25.14 18.96
N GLY A 306 -7.68 25.17 18.07
CA GLY A 306 -8.34 26.39 17.69
C GLY A 306 -7.84 27.02 16.42
N ILE A 307 -6.95 26.34 15.67
CA ILE A 307 -6.48 26.85 14.38
CA ILE A 307 -6.48 26.86 14.38
C ILE A 307 -7.49 26.38 13.33
N ALA A 308 -8.52 27.19 13.11
CA ALA A 308 -9.59 26.75 12.21
C ALA A 308 -9.13 26.72 10.76
N HIS A 309 -8.36 27.72 10.33
CA HIS A 309 -7.84 27.78 8.97
C HIS A 309 -6.52 27.04 8.90
N PRO A 310 -6.36 26.03 8.05
CA PRO A 310 -5.16 25.17 8.11
C PRO A 310 -3.86 25.96 7.89
N ARG A 311 -2.86 25.63 8.70
CA ARG A 311 -1.51 26.09 8.40
C ARG A 311 -1.07 25.57 7.03
N ILE A 312 -0.20 26.32 6.39
CA ILE A 312 0.28 25.92 5.06
C ILE A 312 1.39 24.88 5.20
N TRP A 313 1.25 23.74 4.49
CA TRP A 313 2.31 22.73 4.48
C TRP A 313 3.43 23.17 3.55
N THR A 314 4.67 23.17 4.08
CA THR A 314 5.88 23.39 3.30
C THR A 314 6.93 22.37 3.75
N ALA A 315 8.03 22.30 3.01
CA ALA A 315 9.06 21.31 3.31
C ALA A 315 9.59 21.45 4.75
N GLN A 316 9.79 22.68 5.22
CA GLN A 316 10.30 22.84 6.59
C GLN A 316 9.27 22.39 7.62
N ARG A 317 7.97 22.60 7.36
CA ARG A 317 6.96 22.07 8.27
CA ARG A 317 6.99 22.07 8.29
C ARG A 317 6.97 20.54 8.27
N ASP A 318 7.13 19.92 7.08
CA ASP A 318 7.29 18.47 7.04
C ASP A 318 8.48 18.05 7.89
N LYS A 319 9.61 18.74 7.73
CA LYS A 319 10.83 18.34 8.45
C LYS A 319 10.61 18.41 9.95
N ASP A 320 10.03 19.51 10.43
CA ASP A 320 9.76 19.65 11.85
C ASP A 320 8.80 18.59 12.35
N MET A 321 7.82 18.24 11.52
CA MET A 321 6.88 17.18 11.88
C MET A 321 7.61 15.85 12.09
N TRP A 322 8.43 15.45 11.11
CA TRP A 322 9.14 14.17 11.26
C TRP A 322 10.10 14.22 12.44
N ALA A 323 10.75 15.37 12.66
CA ALA A 323 11.66 15.51 13.78
C ALA A 323 10.91 15.33 15.11
N ALA A 324 9.75 15.98 15.22
CA ALA A 324 8.95 15.87 16.44
C ALA A 324 8.48 14.44 16.69
N LEU A 325 8.16 13.71 15.62
CA LEU A 325 7.64 12.35 15.75
C LEU A 325 8.72 11.31 16.04
N GLN A 326 9.97 11.57 15.67
CA GLN A 326 11.02 10.56 15.72
C GLN A 326 12.06 10.88 16.78
N ASP A 327 12.74 12.01 16.65
CA ASP A 327 13.75 12.46 17.60
C ASP A 327 14.06 13.93 17.32
N LYS B 23 14.86 -27.04 19.70
CA LYS B 23 15.87 -27.73 18.92
C LYS B 23 16.33 -26.88 17.73
N VAL B 24 17.54 -26.38 17.83
CA VAL B 24 18.15 -25.54 16.79
C VAL B 24 19.14 -26.39 16.01
N THR B 25 19.14 -26.22 14.69
CA THR B 25 20.04 -26.93 13.80
C THR B 25 20.94 -25.94 13.07
N TRP B 26 22.24 -26.17 13.15
CA TRP B 26 23.25 -25.40 12.42
C TRP B 26 23.86 -26.35 11.40
N THR B 27 23.69 -26.01 10.11
CA THR B 27 24.07 -26.87 9.00
C THR B 27 25.08 -26.14 8.12
N LYS B 28 26.27 -26.71 7.98
CA LYS B 28 27.21 -26.19 7.00
C LYS B 28 26.78 -26.71 5.63
N LEU B 29 26.44 -25.79 4.73
CA LEU B 29 25.98 -26.13 3.40
C LEU B 29 27.12 -26.26 2.40
N SER B 30 28.16 -25.44 2.55
CA SER B 30 29.24 -25.37 1.58
C SER B 30 30.45 -24.79 2.31
N GLU B 31 31.53 -24.53 1.55
CA GLU B 31 32.71 -23.94 2.16
C GLU B 31 32.38 -22.69 2.97
N ASN B 32 31.49 -21.84 2.46
CA ASN B 32 31.21 -20.56 3.10
C ASN B 32 29.75 -20.31 3.46
N ALA B 33 28.86 -21.29 3.35
CA ALA B 33 27.43 -21.03 3.59
C ALA B 33 26.86 -21.96 4.66
N TYR B 34 25.93 -21.42 5.46
CA TYR B 34 25.34 -22.14 6.58
C TYR B 34 23.86 -21.81 6.65
N ALA B 35 23.08 -22.75 7.20
CA ALA B 35 21.67 -22.56 7.49
C ALA B 35 21.46 -22.67 9.00
N TYR B 36 20.67 -21.75 9.53
CA TYR B 36 20.27 -21.72 10.93
C TYR B 36 18.78 -22.02 10.97
N THR B 37 18.43 -23.20 11.46
CA THR B 37 17.06 -23.70 11.45
C THR B 37 16.66 -24.02 12.87
N ALA B 38 15.57 -23.40 13.34
CA ALA B 38 15.00 -23.73 14.63
C ALA B 38 13.58 -24.21 14.40
N GLU B 39 13.19 -25.24 15.15
CA GLU B 39 11.87 -25.85 14.98
C GLU B 39 10.77 -24.79 15.09
N GLY B 40 9.94 -24.72 14.05
CA GLY B 40 8.82 -23.80 14.02
C GLY B 40 9.18 -22.34 13.78
N ASP B 41 10.44 -22.02 13.53
CA ASP B 41 10.89 -20.66 13.26
C ASP B 41 11.21 -20.47 11.79
N PRO B 42 11.24 -19.22 11.31
CA PRO B 42 11.86 -18.98 10.00
C PRO B 42 13.33 -19.38 10.04
N ASN B 43 13.84 -19.81 8.90
CA ASN B 43 15.26 -20.07 8.74
C ASN B 43 16.03 -18.77 8.55
N SER B 44 17.26 -18.75 9.05
CA SER B 44 18.23 -17.72 8.71
C SER B 44 19.36 -18.34 7.90
N GLY B 45 19.97 -17.52 7.05
CA GLY B 45 21.09 -17.95 6.22
C GLY B 45 22.33 -17.20 6.67
N VAL B 46 23.49 -17.85 6.58
CA VAL B 46 24.74 -17.22 6.96
C VAL B 46 25.78 -17.50 5.90
N ILE B 47 26.47 -16.45 5.46
CA ILE B 47 27.62 -16.58 4.57
C ILE B 47 28.81 -15.98 5.28
N ILE B 48 29.87 -16.77 5.45
CA ILE B 48 31.09 -16.28 6.05
C ILE B 48 32.09 -16.08 4.91
N GLY B 49 32.40 -14.82 4.62
CA GLY B 49 33.36 -14.49 3.58
C GLY B 49 34.77 -14.35 4.11
N ASP B 50 35.64 -13.86 3.22
CA ASP B 50 37.04 -13.65 3.57
C ASP B 50 37.18 -12.69 4.74
N ASP B 51 36.39 -11.62 4.73
CA ASP B 51 36.56 -10.44 5.56
C ASP B 51 35.45 -10.25 6.59
N SER B 52 34.30 -10.86 6.38
CA SER B 52 33.08 -10.42 7.03
C SER B 52 32.04 -11.51 6.89
N VAL B 53 30.96 -11.36 7.63
CA VAL B 53 29.83 -12.29 7.63
C VAL B 53 28.62 -11.58 7.05
N LEU B 54 27.81 -12.31 6.30
CA LEU B 54 26.52 -11.81 5.82
C LEU B 54 25.43 -12.73 6.34
N ILE B 55 24.31 -12.15 6.77
CA ILE B 55 23.20 -13.00 7.19
C ILE B 55 21.99 -12.66 6.33
N VAL B 56 21.14 -13.68 6.14
CA VAL B 56 19.88 -13.55 5.43
C VAL B 56 18.78 -13.77 6.45
N ASP B 57 18.08 -12.70 6.80
CA ASP B 57 16.99 -12.68 7.79
C ASP B 57 17.53 -12.78 9.22
N THR B 58 16.85 -12.12 10.14
CA THR B 58 17.47 -11.67 11.37
C THR B 58 17.12 -12.50 12.58
N THR B 59 16.19 -13.47 12.44
CA THR B 59 15.37 -14.03 13.52
C THR B 59 14.42 -12.94 14.05
N ALA B 60 13.44 -13.34 14.82
CA ALA B 60 12.28 -12.48 15.04
C ALA B 60 12.53 -11.35 16.02
N THR B 61 13.51 -11.46 16.93
CA THR B 61 13.72 -10.45 17.95
C THR B 61 15.21 -10.36 18.24
N PRO B 62 15.68 -9.22 18.77
CA PRO B 62 17.10 -9.15 19.19
C PRO B 62 17.45 -10.22 20.22
N ALA B 63 16.50 -10.61 21.05
CA ALA B 63 16.75 -11.71 22.00
C ALA B 63 17.02 -13.01 21.25
N MET B 64 16.18 -13.33 20.26
CA MET B 64 16.39 -14.56 19.50
C MET B 64 17.64 -14.49 18.64
N ALA B 65 18.05 -13.28 18.25
CA ALA B 65 19.24 -13.18 17.42
C ALA B 65 20.51 -13.61 18.17
N GLN B 66 20.47 -13.58 19.50
CA GLN B 66 21.66 -13.87 20.29
C GLN B 66 22.18 -15.28 20.00
N ASP B 67 21.27 -16.25 19.83
CA ASP B 67 21.74 -17.61 19.57
C ASP B 67 22.31 -17.75 18.16
N LEU B 68 21.72 -17.06 17.18
CA LEU B 68 22.33 -17.07 15.85
C LEU B 68 23.72 -16.42 15.90
N ILE B 69 23.84 -15.30 16.61
CA ILE B 69 25.15 -14.68 16.80
C ILE B 69 26.11 -15.69 17.45
N ALA B 70 25.64 -16.38 18.49
CA ALA B 70 26.48 -17.37 19.17
C ALA B 70 26.98 -18.45 18.21
N LYS B 71 26.10 -18.97 17.35
CA LYS B 71 26.50 -19.98 16.37
C LYS B 71 27.51 -19.42 15.37
N ILE B 72 27.29 -18.19 14.91
CA ILE B 72 28.25 -17.56 14.01
C ILE B 72 29.60 -17.44 14.71
N ARG B 73 29.59 -17.00 15.97
CA ARG B 73 30.83 -16.72 16.69
C ARG B 73 31.57 -17.99 17.08
N SER B 74 30.91 -19.14 17.03
CA SER B 74 31.62 -20.39 17.22
C SER B 74 32.49 -20.73 16.01
N VAL B 75 32.28 -20.04 14.88
CA VAL B 75 33.04 -20.27 13.67
C VAL B 75 34.01 -19.13 13.39
N THR B 76 33.61 -17.89 13.67
CA THR B 76 34.38 -16.75 13.20
C THR B 76 34.17 -15.54 14.10
N ASP B 77 35.19 -14.69 14.15
CA ASP B 77 35.09 -13.41 14.85
C ASP B 77 34.92 -12.25 13.87
N LYS B 78 34.74 -12.54 12.60
CA LYS B 78 34.62 -11.49 11.60
C LYS B 78 33.35 -10.68 11.84
N PRO B 79 33.35 -9.39 11.48
CA PRO B 79 32.14 -8.58 11.65
C PRO B 79 31.00 -9.11 10.81
N ILE B 80 29.79 -9.04 11.37
CA ILE B 80 28.56 -9.32 10.61
C ILE B 80 28.17 -8.02 9.93
N LYS B 81 28.80 -7.77 8.77
CA LYS B 81 28.76 -6.47 8.12
C LYS B 81 27.44 -6.22 7.39
N HIS B 82 26.81 -7.29 6.89
CA HIS B 82 25.66 -7.16 6.01
C HIS B 82 24.51 -7.99 6.52
N VAL B 83 23.35 -7.35 6.68
CA VAL B 83 22.12 -8.02 7.09
C VAL B 83 21.17 -7.87 5.92
N VAL B 84 20.81 -8.98 5.29
CA VAL B 84 19.90 -8.97 4.15
C VAL B 84 18.53 -9.39 4.63
N LEU B 85 17.51 -8.59 4.30
CA LEU B 85 16.12 -8.95 4.56
C LEU B 85 15.56 -9.60 3.30
N SER B 86 15.21 -10.90 3.38
CA SER B 86 14.61 -11.54 2.21
C SER B 86 13.26 -10.90 1.88
N HIS B 87 12.55 -10.40 2.88
CA HIS B 87 11.30 -9.69 2.68
C HIS B 87 10.91 -9.01 3.98
N TYR B 88 9.75 -8.34 3.98
CA TYR B 88 9.48 -7.34 5.00
C TYR B 88 8.86 -7.92 6.28
N HIS B 89 8.41 -9.18 6.28
CA HIS B 89 7.64 -9.72 7.40
C HIS B 89 8.42 -9.65 8.72
N ALA B 90 7.71 -9.26 9.78
CA ALA B 90 8.32 -8.97 11.08
C ALA B 90 9.24 -10.08 11.59
N VAL B 91 8.82 -11.35 11.47
CA VAL B 91 9.65 -12.46 11.97
C VAL B 91 10.97 -12.56 11.24
N ARG B 92 11.06 -11.97 10.05
CA ARG B 92 12.30 -11.96 9.26
C ARG B 92 13.21 -10.77 9.54
N VAL B 93 12.70 -9.70 10.17
CA VAL B 93 13.45 -8.44 10.17
C VAL B 93 13.65 -7.84 11.55
N LEU B 94 12.85 -8.19 12.57
CA LEU B 94 12.86 -7.41 13.79
C LEU B 94 13.99 -7.79 14.74
N GLY B 95 14.84 -8.76 14.38
CA GLY B 95 16.06 -8.97 15.14
C GLY B 95 17.25 -8.13 14.66
N ALA B 96 17.06 -7.33 13.62
CA ALA B 96 18.17 -6.66 12.93
C ALA B 96 19.06 -5.84 13.87
N SER B 97 18.47 -5.15 14.85
CA SER B 97 19.29 -4.26 15.69
C SER B 97 20.32 -5.02 16.52
N ALA B 98 20.12 -6.32 16.74
CA ALA B 98 21.11 -7.10 17.46
C ALA B 98 22.46 -7.08 16.79
N TYR B 99 22.50 -6.94 15.46
CA TYR B 99 23.74 -7.07 14.71
C TYR B 99 24.54 -5.77 14.66
N PHE B 100 23.96 -4.64 15.06
CA PHE B 100 24.72 -3.39 15.13
C PHE B 100 25.92 -3.54 16.06
N ASP B 101 25.76 -4.29 17.16
CA ASP B 101 26.85 -4.53 18.10
C ASP B 101 27.85 -5.57 17.62
N GLU B 102 27.61 -6.20 16.47
CA GLU B 102 28.50 -7.22 15.93
C GLU B 102 29.12 -6.79 14.61
N GLY B 103 29.15 -5.48 14.32
CA GLY B 103 29.83 -4.95 13.17
C GLY B 103 28.95 -4.66 11.96
N ALA B 104 27.63 -4.61 12.12
CA ALA B 104 26.77 -4.36 10.97
C ALA B 104 27.06 -3.01 10.37
N GLN B 105 27.20 -2.96 9.06
CA GLN B 105 27.33 -1.72 8.30
C GLN B 105 26.11 -1.42 7.46
N HIS B 106 25.38 -2.44 7.02
CA HIS B 106 24.18 -2.20 6.22
C HIS B 106 23.08 -3.21 6.53
N VAL B 107 21.85 -2.71 6.50
CA VAL B 107 20.67 -3.56 6.40
C VAL B 107 20.13 -3.39 4.98
N ILE B 108 20.16 -4.48 4.20
CA ILE B 108 19.92 -4.42 2.76
C ILE B 108 18.53 -4.95 2.45
N ALA B 109 17.83 -4.25 1.57
CA ALA B 109 16.50 -4.73 1.16
C ALA B 109 16.27 -4.28 -0.28
N SER B 110 15.37 -4.98 -0.97
CA SER B 110 14.88 -4.51 -2.26
C SER B 110 13.98 -3.29 -2.11
N ARG B 111 13.77 -2.58 -3.22
CA ARG B 111 12.84 -1.46 -3.19
CA ARG B 111 12.84 -1.46 -3.22
C ARG B 111 11.44 -1.91 -2.81
N GLY B 112 11.02 -3.08 -3.30
CA GLY B 112 9.69 -3.57 -2.96
C GLY B 112 9.53 -3.83 -1.48
N THR B 113 10.55 -4.42 -0.85
CA THR B 113 10.53 -4.66 0.59
C THR B 113 10.53 -3.36 1.36
N TYR B 114 11.40 -2.42 0.96
CA TYR B 114 11.40 -1.11 1.61
C TYR B 114 10.01 -0.46 1.54
N GLU B 115 9.41 -0.47 0.36
CA GLU B 115 8.07 0.08 0.21
C GLU B 115 7.09 -0.60 1.15
N MET B 116 7.22 -1.93 1.31
CA MET B 116 6.31 -2.68 2.17
C MET B 116 6.49 -2.28 3.64
N ILE B 117 7.73 -2.07 4.07
CA ILE B 117 7.97 -1.65 5.45
C ILE B 117 7.35 -0.28 5.69
N VAL B 118 7.56 0.65 4.75
CA VAL B 118 7.01 2.01 4.88
C VAL B 118 5.49 1.96 4.98
N GLU B 119 4.87 1.10 4.16
CA GLU B 119 3.41 1.03 4.02
C GLU B 119 2.77 0.29 5.18
N ARG B 120 3.23 -0.91 5.48
CA ARG B 120 2.51 -1.81 6.36
C ARG B 120 3.42 -2.43 7.40
N GLY B 121 4.62 -1.86 7.59
CA GLY B 121 5.50 -2.38 8.63
C GLY B 121 4.85 -2.35 10.00
N GLU B 122 4.28 -1.20 10.38
CA GLU B 122 3.63 -1.08 11.69
C GLU B 122 2.49 -2.08 11.83
N ALA B 123 1.61 -2.15 10.82
CA ALA B 123 0.48 -3.07 10.90
C ALA B 123 0.94 -4.51 10.99
N ASP B 124 1.96 -4.86 10.21
CA ASP B 124 2.42 -6.25 10.18
C ASP B 124 3.12 -6.62 11.48
N MET B 125 3.85 -5.67 12.07
CA MET B 125 4.52 -5.96 13.34
C MET B 125 3.50 -6.29 14.41
N LYS B 126 2.47 -5.45 14.55
CA LYS B 126 1.41 -5.72 15.50
C LYS B 126 0.67 -7.02 15.15
N SER B 127 0.44 -7.24 13.85
CA SER B 127 -0.31 -8.41 13.38
C SER B 127 0.42 -9.71 13.74
N GLU B 128 1.69 -9.81 13.37
CA GLU B 128 2.39 -11.08 13.58
C GLU B 128 2.65 -11.36 15.05
N ILE B 129 2.99 -10.33 15.83
CA ILE B 129 3.23 -10.54 17.25
C ILE B 129 1.97 -11.04 17.95
N GLU B 130 0.79 -10.60 17.49
CA GLU B 130 -0.47 -11.08 18.07
C GLU B 130 -0.86 -12.46 17.55
N ARG B 131 -0.61 -12.73 16.26
CA ARG B 131 -0.95 -14.02 15.67
C ARG B 131 -0.10 -15.14 16.23
N PHE B 132 1.21 -14.93 16.33
CA PHE B 132 2.16 -15.99 16.67
C PHE B 132 3.05 -15.53 17.82
N PRO B 133 2.49 -15.35 19.01
CA PRO B 133 3.29 -14.84 20.14
C PRO B 133 4.50 -15.71 20.45
N ARG B 134 4.41 -17.01 20.21
CA ARG B 134 5.52 -17.90 20.50
C ARG B 134 6.67 -17.73 19.49
N LEU B 135 6.41 -17.17 18.31
CA LEU B 135 7.51 -16.92 17.37
C LEU B 135 8.36 -15.73 17.75
N PHE B 136 7.93 -14.93 18.72
CA PHE B 136 8.62 -13.70 19.11
C PHE B 136 9.06 -13.82 20.56
N ALA B 137 9.98 -14.75 20.82
CA ALA B 137 10.57 -14.86 22.16
C ALA B 137 11.36 -13.59 22.48
N GLY B 138 11.19 -13.11 23.70
CA GLY B 138 11.82 -11.85 24.09
C GLY B 138 11.35 -10.65 23.29
N VAL B 139 10.05 -10.55 23.03
CA VAL B 139 9.53 -9.49 22.17
C VAL B 139 9.79 -8.09 22.75
N GLU B 140 9.96 -7.98 24.08
CA GLU B 140 10.28 -6.70 24.70
C GLU B 140 11.62 -6.12 24.23
N THR B 141 12.49 -6.94 23.62
CA THR B 141 13.74 -6.44 23.09
C THR B 141 13.61 -5.81 21.71
N VAL B 142 12.44 -5.89 21.08
CA VAL B 142 12.25 -5.27 19.78
C VAL B 142 12.17 -3.76 19.97
N PRO B 143 13.05 -2.98 19.34
CA PRO B 143 13.06 -1.52 19.57
C PRO B 143 12.10 -0.73 18.68
N GLY B 144 11.60 -1.35 17.63
CA GLY B 144 10.80 -0.66 16.63
C GLY B 144 10.98 -1.38 15.31
N LEU B 145 10.43 -0.77 14.25
CA LEU B 145 10.61 -1.33 12.91
C LEU B 145 12.08 -1.33 12.51
N THR B 146 12.43 -2.25 11.62
CA THR B 146 13.76 -2.28 11.01
C THR B 146 13.75 -1.44 9.74
N TRP B 147 14.65 -0.45 9.66
CA TRP B 147 14.72 0.41 8.48
C TRP B 147 15.96 0.10 7.67
N PRO B 148 15.81 -0.38 6.44
CA PRO B 148 16.97 -0.68 5.60
C PRO B 148 17.83 0.56 5.38
N THR B 149 19.15 0.35 5.32
CA THR B 149 20.08 1.45 5.02
C THR B 149 20.52 1.46 3.57
N LEU B 150 20.30 0.36 2.85
CA LEU B 150 20.73 0.23 1.46
C LEU B 150 19.61 -0.50 0.74
N VAL B 151 19.04 0.15 -0.27
CA VAL B 151 17.88 -0.36 -0.97
C VAL B 151 18.24 -0.48 -2.45
N PHE B 152 18.11 -1.66 -3.01
CA PHE B 152 18.51 -1.89 -4.39
C PHE B 152 17.29 -2.18 -5.26
N GLU B 153 17.44 -1.97 -6.56
CA GLU B 153 16.32 -2.15 -7.45
C GLU B 153 16.23 -3.58 -7.96
N ARG B 154 17.30 -4.10 -8.52
CA ARG B 154 17.20 -5.37 -9.21
C ARG B 154 18.23 -6.36 -8.70
N GLU B 155 19.48 -5.94 -8.58
CA GLU B 155 20.54 -6.89 -8.30
C GLU B 155 21.77 -6.13 -7.81
N ILE B 156 22.35 -6.57 -6.70
CA ILE B 156 23.68 -6.11 -6.32
C ILE B 156 24.56 -7.33 -6.06
N THR B 157 25.85 -7.14 -6.31
CA THR B 157 26.85 -8.15 -6.04
C THR B 157 27.80 -7.58 -4.99
N LEU B 158 28.00 -8.33 -3.92
CA LEU B 158 28.99 -8.01 -2.92
C LEU B 158 30.16 -8.95 -3.11
N PHE B 159 31.37 -8.40 -3.08
CA PHE B 159 32.56 -9.22 -3.01
C PHE B 159 33.05 -9.20 -1.58
N LEU B 160 32.97 -10.34 -0.91
CA LEU B 160 33.46 -10.47 0.46
C LEU B 160 34.87 -11.00 0.34
N GLY B 161 35.82 -10.09 0.15
CA GLY B 161 37.11 -10.49 -0.37
C GLY B 161 36.93 -10.97 -1.80
N LYS B 162 37.23 -12.25 -2.05
CA LYS B 162 37.06 -12.86 -3.35
C LYS B 162 35.72 -13.58 -3.51
N LEU B 163 34.95 -13.73 -2.45
CA LEU B 163 33.71 -14.50 -2.53
C LEU B 163 32.62 -13.63 -3.11
N GLU B 164 32.07 -14.06 -4.25
CA GLU B 164 31.01 -13.34 -4.93
C GLU B 164 29.65 -13.74 -4.35
N VAL B 165 28.89 -12.74 -3.87
CA VAL B 165 27.58 -12.96 -3.26
C VAL B 165 26.58 -12.10 -4.03
N LYS B 166 25.55 -12.75 -4.58
CA LYS B 166 24.57 -12.05 -5.37
C LYS B 166 23.30 -11.86 -4.54
N ILE B 167 22.84 -10.63 -4.44
CA ILE B 167 21.60 -10.28 -3.75
C ILE B 167 20.64 -9.80 -4.83
N MET B 168 19.55 -10.55 -5.04
CA MET B 168 18.76 -10.40 -6.26
C MET B 168 17.28 -10.35 -5.96
N HIS B 169 16.58 -9.49 -6.69
CA HIS B 169 15.12 -9.57 -6.78
C HIS B 169 14.84 -10.08 -8.18
N VAL B 170 14.47 -11.36 -8.29
CA VAL B 170 14.20 -11.96 -9.59
C VAL B 170 12.73 -12.03 -9.88
N GLY B 171 11.90 -11.50 -9.00
CA GLY B 171 10.47 -11.50 -9.18
C GLY B 171 9.79 -11.61 -7.84
N SER B 172 8.51 -11.24 -7.83
CA SER B 172 7.73 -11.30 -6.61
C SER B 172 6.97 -12.63 -6.51
N GLY B 173 6.58 -12.97 -5.28
CA GLY B 173 5.81 -14.17 -5.07
C GLY B 173 5.16 -14.15 -3.70
N HIS B 174 5.93 -14.60 -2.70
CA HIS B 174 5.50 -14.52 -1.32
C HIS B 174 5.14 -13.09 -0.92
N THR B 175 5.96 -12.12 -1.31
CA THR B 175 5.63 -10.71 -1.17
C THR B 175 6.20 -9.96 -2.37
N LYS B 176 5.64 -8.77 -2.58
N LYS B 176 5.75 -8.71 -2.52
CA LYS B 176 6.31 -7.77 -3.38
CA LYS B 176 6.20 -7.86 -3.62
C LYS B 176 7.68 -7.47 -2.77
C LYS B 176 7.73 -7.81 -3.74
N GLY B 177 8.72 -7.63 -3.56
N GLY B 177 8.44 -7.73 -2.63
CA GLY B 177 10.07 -7.34 -3.12
CA GLY B 177 9.84 -7.38 -2.71
C GLY B 177 10.90 -8.53 -2.70
C GLY B 177 10.82 -8.52 -2.51
N ASP B 178 10.35 -9.76 -2.71
CA ASP B 178 11.11 -10.95 -2.33
C ASP B 178 12.53 -10.92 -2.88
N THR B 179 13.48 -11.17 -1.99
CA THR B 179 14.90 -11.07 -2.28
C THR B 179 15.56 -12.39 -1.95
N ILE B 180 16.47 -12.85 -2.83
CA ILE B 180 17.21 -14.09 -2.64
C ILE B 180 18.69 -13.75 -2.54
N VAL B 181 19.45 -14.64 -1.93
CA VAL B 181 20.90 -14.50 -1.89
C VAL B 181 21.48 -15.76 -2.52
N TRP B 182 22.40 -15.56 -3.46
CA TRP B 182 22.88 -16.63 -4.32
C TRP B 182 24.40 -16.61 -4.31
N LEU B 183 24.99 -17.76 -4.02
CA LEU B 183 26.44 -17.92 -4.07
C LEU B 183 26.79 -18.67 -5.34
N PRO B 184 27.13 -17.97 -6.42
CA PRO B 184 27.34 -18.66 -7.71
C PRO B 184 28.43 -19.72 -7.67
N SER B 185 29.51 -19.50 -6.91
CA SER B 185 30.63 -20.44 -6.96
C SER B 185 30.38 -21.69 -6.13
N GLN B 186 29.38 -21.69 -5.25
CA GLN B 186 29.07 -22.85 -4.43
C GLN B 186 27.66 -23.36 -4.65
N LYS B 187 26.86 -22.67 -5.47
CA LYS B 187 25.50 -23.10 -5.82
C LYS B 187 24.62 -23.27 -4.59
N VAL B 188 24.67 -22.29 -3.70
CA VAL B 188 23.82 -22.29 -2.51
C VAL B 188 22.85 -21.14 -2.64
N LEU B 189 21.58 -21.40 -2.42
CA LEU B 189 20.54 -20.40 -2.66
C LEU B 189 19.75 -20.19 -1.37
N PHE B 190 19.69 -18.95 -0.91
CA PHE B 190 18.85 -18.59 0.22
C PHE B 190 17.61 -17.93 -0.37
N SER B 191 16.49 -18.63 -0.33
CA SER B 191 15.32 -18.24 -1.09
C SER B 191 14.28 -17.47 -0.26
N GLY B 192 14.53 -17.24 1.03
CA GLY B 192 13.55 -16.53 1.86
C GLY B 192 12.29 -17.38 1.95
N ASP B 193 11.12 -16.75 1.87
CA ASP B 193 9.89 -17.54 1.86
C ASP B 193 9.36 -17.80 0.45
N LEU B 194 10.18 -17.62 -0.59
CA LEU B 194 9.73 -17.95 -1.93
C LEU B 194 9.55 -19.46 -2.16
N VAL B 195 10.21 -20.30 -1.37
CA VAL B 195 10.14 -21.75 -1.54
C VAL B 195 9.84 -22.40 -0.19
N GLU B 196 8.85 -23.28 -0.18
CA GLU B 196 8.62 -24.16 0.95
C GLU B 196 8.78 -25.61 0.50
N TYR B 197 8.76 -26.51 1.47
CA TYR B 197 8.97 -27.91 1.16
C TYR B 197 8.03 -28.76 2.01
N ASP B 198 8.26 -28.76 3.32
CA ASP B 198 7.40 -29.58 4.18
C ASP B 198 6.12 -28.88 4.60
N ALA B 199 5.98 -27.59 4.28
CA ALA B 199 5.02 -26.71 4.95
C ALA B 199 4.14 -25.98 3.96
N ALA B 200 2.97 -25.57 4.41
CA ALA B 200 2.14 -24.72 3.58
C ALA B 200 2.81 -23.36 3.40
N CYS B 201 2.51 -22.71 2.28
CA CYS B 201 2.97 -21.35 2.04
C CYS B 201 2.02 -20.36 2.70
N TYR B 202 2.57 -19.41 3.46
CA TYR B 202 1.78 -18.25 3.88
C TYR B 202 1.69 -17.28 2.71
N CYS B 203 0.48 -17.09 2.20
CA CYS B 203 0.28 -16.30 1.00
C CYS B 203 -0.52 -15.03 1.27
N GLY B 204 -0.64 -14.62 2.55
CA GLY B 204 -1.52 -13.50 2.88
C GLY B 204 -1.18 -12.20 2.17
N ASP B 205 0.11 -11.99 1.86
CA ASP B 205 0.58 -10.79 1.18
C ASP B 205 1.08 -11.10 -0.23
N ALA B 206 0.69 -12.24 -0.80
CA ALA B 206 1.34 -12.79 -1.98
C ALA B 206 0.97 -12.07 -3.26
N GLN B 207 1.92 -12.04 -4.19
CA GLN B 207 1.62 -11.75 -5.58
C GLN B 207 1.53 -13.09 -6.30
N LEU B 208 0.36 -13.72 -6.22
CA LEU B 208 0.22 -15.12 -6.67
C LEU B 208 0.43 -15.25 -8.16
N GLU B 209 -0.02 -14.27 -8.94
CA GLU B 209 0.11 -14.37 -10.39
C GLU B 209 1.58 -14.37 -10.82
N GLN B 210 2.44 -13.64 -10.10
CA GLN B 210 3.85 -13.53 -10.43
C GLN B 210 4.70 -14.69 -9.88
N TRP B 211 4.23 -15.36 -8.83
CA TRP B 211 5.07 -16.34 -8.14
C TRP B 211 5.53 -17.50 -9.03
N PRO B 212 4.71 -18.09 -9.93
CA PRO B 212 5.25 -19.19 -10.75
C PRO B 212 6.46 -18.78 -11.59
N ALA B 213 6.41 -17.64 -12.27
CA ALA B 213 7.57 -17.22 -13.06
C ALA B 213 8.77 -16.96 -12.18
N THR B 214 8.55 -16.45 -10.96
CA THR B 214 9.66 -16.28 -10.03
C THR B 214 10.29 -17.63 -9.65
N LEU B 215 9.47 -18.66 -9.45
CA LEU B 215 10.03 -19.98 -9.13
C LEU B 215 10.88 -20.49 -10.26
N GLU B 216 10.46 -20.25 -11.50
CA GLU B 216 11.23 -20.71 -12.64
C GLU B 216 12.53 -19.95 -12.79
N ALA B 217 12.51 -18.65 -12.45
CA ALA B 217 13.78 -17.92 -12.36
C ALA B 217 14.71 -18.56 -11.35
N LEU B 218 14.17 -18.98 -10.20
CA LEU B 218 15.02 -19.67 -9.21
C LEU B 218 15.54 -20.98 -9.76
N ARG B 219 14.67 -21.74 -10.43
CA ARG B 219 15.09 -23.04 -10.97
C ARG B 219 16.27 -22.91 -11.90
N ALA B 220 16.28 -21.85 -12.72
CA ALA B 220 17.35 -21.66 -13.68
C ALA B 220 18.72 -21.42 -13.03
N LEU B 221 18.76 -21.02 -11.75
CA LEU B 221 20.05 -20.87 -11.07
C LEU B 221 20.79 -22.19 -10.92
N GLY B 222 20.07 -23.31 -10.81
CA GLY B 222 20.75 -24.60 -10.66
C GLY B 222 21.35 -24.83 -9.28
N ALA B 223 20.62 -24.47 -8.23
CA ALA B 223 21.12 -24.61 -6.86
C ALA B 223 21.37 -26.08 -6.49
N GLU B 224 22.51 -26.31 -5.84
CA GLU B 224 22.78 -27.61 -5.24
C GLU B 224 22.13 -27.74 -3.87
N LYS B 225 22.02 -26.63 -3.14
CA LYS B 225 21.37 -26.63 -1.83
C LYS B 225 20.55 -25.36 -1.75
N LEU B 226 19.45 -25.44 -0.99
CA LEU B 226 18.54 -24.31 -0.88
C LEU B 226 18.04 -24.21 0.56
N VAL B 227 18.08 -23.00 1.12
CA VAL B 227 17.55 -22.77 2.45
C VAL B 227 16.12 -22.26 2.28
N PRO B 228 15.10 -23.06 2.59
CA PRO B 228 13.71 -22.64 2.33
C PRO B 228 13.21 -21.78 3.46
N GLY B 229 11.91 -21.43 3.40
CA GLY B 229 11.36 -20.51 4.39
C GLY B 229 11.47 -21.06 5.80
N ARG B 230 11.09 -22.32 5.97
CA ARG B 230 11.15 -22.96 7.27
C ARG B 230 11.46 -24.43 7.05
N GLY B 231 11.96 -25.07 8.10
CA GLY B 231 12.30 -26.46 8.02
C GLY B 231 13.69 -26.67 7.46
N PRO B 232 14.08 -27.93 7.33
CA PRO B 232 15.48 -28.25 7.01
C PRO B 232 15.90 -27.69 5.67
N ALA B 233 17.19 -27.35 5.58
CA ALA B 233 17.73 -26.96 4.28
C ALA B 233 17.59 -28.13 3.33
N LEU B 234 17.40 -27.81 2.06
CA LEU B 234 17.31 -28.81 1.01
C LEU B 234 18.71 -29.14 0.55
N LEU B 235 19.04 -30.42 0.48
CA LEU B 235 20.43 -30.87 0.53
C LEU B 235 20.97 -31.36 -0.81
N ASN B 236 20.16 -31.35 -1.86
CA ASN B 236 20.61 -31.83 -3.16
C ASN B 236 19.65 -31.28 -4.22
N PRO B 237 20.03 -31.30 -5.49
CA PRO B 237 19.12 -30.77 -6.51
C PRO B 237 17.75 -31.46 -6.54
N ALA B 238 17.68 -32.75 -6.18
CA ALA B 238 16.38 -33.40 -6.13
C ALA B 238 15.46 -32.68 -5.17
N GLU B 239 15.93 -32.41 -3.94
CA GLU B 239 15.09 -31.68 -3.01
C GLU B 239 14.88 -30.24 -3.46
N VAL B 240 15.92 -29.60 -4.01
CA VAL B 240 15.76 -28.23 -4.52
C VAL B 240 14.58 -28.19 -5.49
N ASN B 241 14.60 -29.09 -6.46
CA ASN B 241 13.58 -29.03 -7.50
C ASN B 241 12.23 -29.55 -7.02
N LYS B 242 12.23 -30.48 -6.06
CA LYS B 242 10.97 -30.86 -5.43
C LYS B 242 10.33 -29.67 -4.72
N GLY B 243 11.15 -28.90 -3.98
CA GLY B 243 10.62 -27.73 -3.32
C GLY B 243 10.04 -26.73 -4.29
N LEU B 244 10.74 -26.47 -5.40
CA LEU B 244 10.23 -25.54 -6.41
C LEU B 244 8.92 -26.06 -7.02
N ASP B 245 8.89 -27.35 -7.35
CA ASP B 245 7.68 -27.93 -7.95
C ASP B 245 6.52 -27.88 -6.97
N TYR B 246 6.77 -28.28 -5.73
CA TYR B 246 5.74 -28.25 -4.69
C TYR B 246 5.21 -26.83 -4.48
N THR B 247 6.11 -25.86 -4.33
CA THR B 247 5.66 -24.49 -4.09
C THR B 247 4.86 -23.97 -5.27
N LYS B 248 5.32 -24.27 -6.48
CA LYS B 248 4.61 -23.86 -7.69
C LYS B 248 3.21 -24.47 -7.74
N ASP B 249 3.11 -25.77 -7.43
CA ASP B 249 1.82 -26.44 -7.41
C ASP B 249 0.90 -25.77 -6.38
N PHE B 250 1.42 -25.52 -5.18
CA PHE B 250 0.63 -24.91 -4.12
C PHE B 250 0.07 -23.56 -4.58
N VAL B 251 0.93 -22.68 -5.08
CA VAL B 251 0.45 -21.32 -5.34
C VAL B 251 -0.31 -21.24 -6.66
N THR B 252 -0.01 -22.12 -7.62
CA THR B 252 -0.79 -22.17 -8.85
C THR B 252 -2.20 -22.67 -8.59
N THR B 253 -2.33 -23.73 -7.78
CA THR B 253 -3.65 -24.28 -7.49
C THR B 253 -4.48 -23.30 -6.66
N LEU B 254 -3.85 -22.66 -5.67
CA LEU B 254 -4.54 -21.67 -4.85
C LEU B 254 -5.16 -20.56 -5.69
N LEU B 255 -4.36 -19.96 -6.60
CA LEU B 255 -4.90 -18.89 -7.45
C LEU B 255 -5.97 -19.40 -8.39
N ALA B 256 -5.78 -20.60 -8.93
CA ALA B 256 -6.76 -21.15 -9.86
C ALA B 256 -8.11 -21.33 -9.18
N GLN B 257 -8.10 -21.83 -7.93
CA GLN B 257 -9.38 -22.00 -7.22
C GLN B 257 -9.98 -20.65 -6.87
N GLY B 258 -9.13 -19.68 -6.52
CA GLY B 258 -9.63 -18.33 -6.26
C GLY B 258 -10.29 -17.72 -7.49
N ARG B 259 -9.67 -17.89 -8.66
CA ARG B 259 -10.26 -17.38 -9.89
CA ARG B 259 -10.26 -17.38 -9.89
C ARG B 259 -11.62 -18.02 -10.17
N LYS B 260 -11.74 -19.33 -9.95
CA LYS B 260 -13.05 -19.98 -10.13
C LYS B 260 -14.06 -19.43 -9.13
N ALA B 261 -13.64 -19.23 -7.88
CA ALA B 261 -14.55 -18.76 -6.85
C ALA B 261 -15.14 -17.41 -7.23
N VAL B 262 -14.30 -16.51 -7.79
CA VAL B 262 -14.78 -15.21 -8.25
C VAL B 262 -15.65 -15.37 -9.50
N GLU B 263 -15.26 -16.27 -10.42
CA GLU B 263 -16.09 -16.54 -11.59
C GLU B 263 -17.47 -17.04 -11.22
N ARG B 264 -17.64 -17.64 -10.04
CA ARG B 264 -18.90 -18.21 -9.60
C ARG B 264 -19.61 -17.39 -8.53
N ASN B 265 -19.13 -16.17 -8.25
CA ASN B 265 -19.81 -15.24 -7.33
C ASN B 265 -19.85 -15.75 -5.89
N LEU B 266 -18.88 -16.56 -5.50
CA LEU B 266 -18.92 -17.16 -4.17
C LEU B 266 -18.50 -16.15 -3.12
N ASP B 267 -19.06 -16.31 -1.91
CA ASP B 267 -18.48 -15.61 -0.77
C ASP B 267 -17.29 -16.39 -0.24
N LEU B 268 -16.64 -15.84 0.79
CA LEU B 268 -15.38 -16.40 1.25
C LEU B 268 -15.58 -17.81 1.80
N LYS B 269 -16.70 -18.06 2.48
CA LYS B 269 -16.93 -19.39 3.02
C LYS B 269 -17.01 -20.43 1.91
N ALA B 270 -17.67 -20.08 0.80
CA ALA B 270 -17.78 -21.01 -0.32
C ALA B 270 -16.49 -21.06 -1.13
N ALA B 271 -15.77 -19.92 -1.21
CA ALA B 271 -14.46 -19.92 -1.84
C ALA B 271 -13.50 -20.85 -1.12
N MET B 272 -13.60 -20.91 0.21
CA MET B 272 -12.79 -21.83 0.99
C MET B 272 -13.15 -23.29 0.68
N ALA B 273 -14.44 -23.59 0.64
CA ALA B 273 -14.87 -24.94 0.29
C ALA B 273 -14.37 -25.32 -1.11
N LEU B 274 -14.54 -24.42 -2.09
CA LEU B 274 -14.06 -24.73 -3.43
C LEU B 274 -12.55 -24.90 -3.47
N THR B 275 -11.81 -24.05 -2.76
CA THR B 275 -10.36 -24.21 -2.73
C THR B 275 -9.96 -25.55 -2.14
N ARG B 276 -10.64 -25.99 -1.09
CA ARG B 276 -10.30 -27.28 -0.49
C ARG B 276 -10.47 -28.44 -1.47
N GLU B 277 -11.43 -28.34 -2.41
CA GLU B 277 -11.66 -29.44 -3.35
C GLU B 277 -10.38 -29.83 -4.09
N ALA B 278 -9.57 -28.84 -4.44
CA ALA B 278 -8.30 -29.03 -5.14
C ALA B 278 -7.10 -29.08 -4.19
N MET B 279 -7.12 -28.27 -3.13
CA MET B 279 -5.93 -28.13 -2.29
C MET B 279 -5.82 -29.25 -1.25
N ASP B 280 -6.95 -29.67 -0.66
CA ASP B 280 -6.90 -30.69 0.38
C ASP B 280 -6.27 -31.99 -0.12
N PRO B 281 -6.68 -32.56 -1.27
CA PRO B 281 -6.09 -33.86 -1.67
C PRO B 281 -4.60 -33.76 -1.98
N LYS B 282 -4.09 -32.57 -2.31
CA LYS B 282 -2.67 -32.41 -2.62
C LYS B 282 -1.82 -32.07 -1.40
N PHE B 283 -2.32 -31.20 -0.51
CA PHE B 283 -1.47 -30.58 0.51
C PHE B 283 -2.05 -30.66 1.91
N GLY B 284 -3.17 -31.37 2.11
CA GLY B 284 -3.85 -31.33 3.40
C GLY B 284 -3.01 -31.81 4.57
N HIS B 285 -1.97 -32.59 4.30
CA HIS B 285 -1.12 -33.15 5.35
C HIS B 285 0.07 -32.27 5.73
N VAL B 286 0.34 -31.18 4.99
CA VAL B 286 1.61 -30.48 5.15
C VAL B 286 1.58 -29.61 6.41
N PHE B 287 2.78 -29.26 6.88
CA PHE B 287 2.92 -28.49 8.11
C PHE B 287 2.14 -27.18 8.00
N ILE B 288 1.42 -26.84 9.08
CA ILE B 288 0.61 -25.63 9.25
C ILE B 288 -0.30 -25.36 8.06
N TYR B 289 -0.80 -26.42 7.42
CA TYR B 289 -1.75 -26.25 6.33
C TYR B 289 -3.00 -25.51 6.79
N GLU B 290 -3.62 -25.99 7.87
CA GLU B 290 -4.89 -25.41 8.31
C GLU B 290 -4.71 -24.01 8.89
N HIS B 291 -3.53 -23.70 9.43
CA HIS B 291 -3.27 -22.33 9.91
C HIS B 291 -3.12 -21.36 8.75
N CYS B 292 -2.49 -21.78 7.67
CA CYS B 292 -2.26 -20.85 6.56
C CYS B 292 -3.46 -20.75 5.63
N LEU B 293 -4.19 -21.84 5.42
CA LEU B 293 -5.20 -21.87 4.36
C LEU B 293 -6.18 -20.70 4.40
N PRO B 294 -6.72 -20.27 5.55
CA PRO B 294 -7.70 -19.16 5.50
C PRO B 294 -7.13 -17.87 4.94
N PHE B 295 -5.94 -17.47 5.39
CA PHE B 295 -5.32 -16.27 4.83
C PHE B 295 -5.02 -16.44 3.34
N ASP B 296 -4.62 -17.65 2.94
CA ASP B 296 -4.29 -17.92 1.54
C ASP B 296 -5.52 -17.78 0.64
N VAL B 297 -6.65 -18.37 1.06
CA VAL B 297 -7.89 -18.26 0.30
C VAL B 297 -8.34 -16.80 0.22
N SER B 298 -8.28 -16.09 1.35
CA SER B 298 -8.70 -14.69 1.34
C SER B 298 -7.84 -13.87 0.39
N ARG B 299 -6.53 -14.07 0.41
CA ARG B 299 -5.67 -13.35 -0.53
C ARG B 299 -5.95 -13.75 -1.96
N ALA B 300 -6.05 -15.06 -2.23
CA ALA B 300 -6.32 -15.50 -3.59
C ALA B 300 -7.65 -14.95 -4.09
N PHE B 301 -8.67 -14.92 -3.24
CA PHE B 301 -9.94 -14.32 -3.64
C PHE B 301 -9.76 -12.84 -3.99
N ASP B 302 -9.06 -12.09 -3.13
CA ASP B 302 -8.80 -10.68 -3.42
C ASP B 302 -8.10 -10.51 -4.75
N GLU B 303 -7.01 -11.26 -4.95
CA GLU B 303 -6.22 -11.08 -6.17
C GLU B 303 -7.02 -11.46 -7.40
N ALA B 304 -7.77 -12.57 -7.33
CA ALA B 304 -8.62 -12.95 -8.46
C ALA B 304 -9.70 -11.91 -8.72
N SER B 305 -10.11 -11.19 -7.68
CA SER B 305 -11.12 -10.15 -7.81
C SER B 305 -10.57 -8.85 -8.41
N GLY B 306 -9.26 -8.78 -8.67
CA GLY B 306 -8.66 -7.59 -9.23
C GLY B 306 -7.85 -6.76 -8.25
N ILE B 307 -7.72 -7.21 -7.01
CA ILE B 307 -6.95 -6.48 -6.00
C ILE B 307 -5.51 -6.94 -6.15
N ALA B 308 -4.78 -6.29 -7.07
CA ALA B 308 -3.42 -6.76 -7.36
C ALA B 308 -2.46 -6.47 -6.20
N HIS B 309 -2.57 -5.27 -5.63
CA HIS B 309 -1.76 -4.88 -4.49
C HIS B 309 -2.48 -5.29 -3.21
N PRO B 310 -1.87 -6.13 -2.36
CA PRO B 310 -2.64 -6.82 -1.32
C PRO B 310 -3.15 -5.88 -0.24
N ARG B 311 -4.38 -6.13 0.19
CA ARG B 311 -4.92 -5.46 1.36
C ARG B 311 -4.06 -5.79 2.58
N ILE B 312 -4.00 -4.87 3.50
CA ILE B 312 -3.10 -4.97 4.64
C ILE B 312 -3.77 -5.76 5.76
N TRP B 313 -3.06 -6.77 6.30
CA TRP B 313 -3.57 -7.58 7.40
C TRP B 313 -3.42 -6.87 8.74
N THR B 314 -4.50 -6.89 9.53
CA THR B 314 -4.52 -6.45 10.92
C THR B 314 -5.40 -7.41 11.70
N ALA B 315 -5.45 -7.23 13.04
CA ALA B 315 -6.27 -8.11 13.85
C ALA B 315 -7.74 -8.04 13.45
N GLN B 316 -8.22 -6.83 13.08
CA GLN B 316 -9.60 -6.69 12.64
C GLN B 316 -9.86 -7.47 11.36
N ARG B 317 -8.91 -7.44 10.43
CA ARG B 317 -9.05 -8.22 9.21
C ARG B 317 -9.05 -9.72 9.52
N ASP B 318 -8.20 -10.16 10.46
CA ASP B 318 -8.26 -11.55 10.91
C ASP B 318 -9.65 -11.89 11.43
N LYS B 319 -10.19 -11.02 12.30
CA LYS B 319 -11.49 -11.25 12.90
C LYS B 319 -12.57 -11.38 11.84
N ASP B 320 -12.58 -10.45 10.88
CA ASP B 320 -13.57 -10.49 9.81
C ASP B 320 -13.42 -11.77 9.00
N MET B 321 -12.19 -12.15 8.67
CA MET B 321 -11.97 -13.38 7.93
C MET B 321 -12.52 -14.59 8.69
N TRP B 322 -12.17 -14.72 9.97
CA TRP B 322 -12.64 -15.88 10.73
C TRP B 322 -14.16 -15.88 10.83
N ALA B 323 -14.76 -14.70 11.04
CA ALA B 323 -16.22 -14.62 11.12
C ALA B 323 -16.86 -15.10 9.82
N ALA B 324 -16.32 -14.69 8.67
CA ALA B 324 -16.88 -15.09 7.38
C ALA B 324 -16.77 -16.61 7.16
N LEU B 325 -15.71 -17.23 7.70
CA LEU B 325 -15.57 -18.68 7.60
C LEU B 325 -16.33 -19.42 8.70
N GLN B 326 -17.05 -18.69 9.56
CA GLN B 326 -17.78 -19.23 10.71
C GLN B 326 -16.81 -19.83 11.73
#